data_6I4L
#
_entry.id   6I4L
#
_cell.length_a   69.450
_cell.length_b   71.330
_cell.length_c   110.310
_cell.angle_alpha   90.000
_cell.angle_beta   90.000
_cell.angle_gamma   90.000
#
_symmetry.space_group_name_H-M   'P 21 2 21'
#
loop_
_entity.id
_entity.type
_entity.pdbx_description
1 polymer Actin-1
2 polymer Gelsolin
3 non-polymer "ADENOSINE-5'-TRIPHOSPHATE"
4 non-polymer "ADENOSINE-5'-DIPHOSPHATE"
5 non-polymer 'MAGNESIUM ION'
6 non-polymer 'THIOCYANATE ION'
7 non-polymer 'CALCIUM ION'
8 water water
#
loop_
_entity_poly.entity_id
_entity_poly.type
_entity_poly.pdbx_seq_one_letter_code
_entity_poly.pdbx_strand_id
1 'polypeptide(L)'
;GAMGEEDVQALVVDNGSGNVKAGVAGDDAPRSVFPSIVGRPKNPGIMVGMEEKDAFVGDEAQTKRGILTLKYPIEHGIVT
NWDDMEKIWHHTFYNELRAAPEEHPVLLTEAPLNPKANRERMTQIMFESFNVPAMYVAIQAVLSLYSSGRTTGIVLDSGD
GVSHTVPIYEGYALPHAIMRLDLAGRDLTEYLMKILHERGYGFSTSAEKEIVRDIKEKLCYIALNFDEEMKTSEQSSDIE
KSYELPDGNIITVGNERFRCPEALFQPSFLGKEAAGIHTTTFNSIKKCDVDIRKDLYGNIVLSGGTTMYEGIGERLTRDI
TTLAPSTMKIKVVAPPERKYSVWIGGSILSSLSTFQQMWITKEEYDESGPSIVHRKCF
;
A
2 'polypeptide(L)'
;GPMVVEHPEFLKAGKEPGLQIWRVEKFDLVPVPPNLYGDFFTGDAYVILKTVQLRNGNLQYDLHYWLGNECSQDESGAAA
IFTVQLDDYLNGRAVQHREVQGFESSTFSGYFKSGLKYKKGGVASGF
;
G
#
# COMPACT_ATOMS: atom_id res chain seq x y z
N VAL A 8 -13.09 13.82 15.82
CA VAL A 8 -12.20 14.75 15.13
C VAL A 8 -11.05 14.00 14.49
N GLN A 9 -10.25 13.32 15.31
CA GLN A 9 -9.09 12.56 14.84
C GLN A 9 -9.53 11.16 14.46
N ALA A 10 -9.38 10.82 13.20
CA ALA A 10 -9.80 9.51 12.72
C ALA A 10 -8.78 8.43 13.09
N LEU A 11 -9.27 7.20 13.17
CA LEU A 11 -8.43 6.04 13.37
C LEU A 11 -8.28 5.30 12.06
N VAL A 12 -7.10 4.73 11.83
CA VAL A 12 -6.76 4.03 10.60
C VAL A 12 -6.40 2.60 10.95
N VAL A 13 -7.09 1.64 10.33
CA VAL A 13 -6.94 0.22 10.63
C VAL A 13 -6.77 -0.54 9.31
N ASP A 14 -5.59 -1.10 9.11
CA ASP A 14 -5.30 -1.97 7.97
C ASP A 14 -5.42 -3.41 8.44
N ASN A 15 -6.40 -4.14 7.90
CA ASN A 15 -6.75 -5.49 8.38
C ASN A 15 -5.92 -6.49 7.59
N GLY A 16 -4.70 -6.76 8.08
CA GLY A 16 -3.81 -7.66 7.37
C GLY A 16 -4.07 -9.12 7.72
N SER A 17 -3.78 -9.98 6.74
N SER A 17 -3.76 -9.98 6.75
CA SER A 17 -3.83 -11.43 6.97
CA SER A 17 -3.86 -11.42 7.00
C SER A 17 -2.89 -11.84 8.09
C SER A 17 -2.86 -11.88 8.05
N GLY A 18 -1.72 -11.20 8.17
CA GLY A 18 -0.72 -11.59 9.14
C GLY A 18 -0.69 -10.68 10.35
N ASN A 19 -0.83 -9.37 10.11
CA ASN A 19 -0.73 -8.37 11.15
C ASN A 19 -1.74 -7.26 10.89
N VAL A 20 -2.40 -6.83 11.95
CA VAL A 20 -3.16 -5.58 11.90
C VAL A 20 -2.21 -4.42 12.13
N LYS A 21 -2.36 -3.37 11.33
CA LYS A 21 -1.66 -2.10 11.51
C LYS A 21 -2.71 -1.05 11.88
N ALA A 22 -2.52 -0.38 13.01
CA ALA A 22 -3.51 0.57 13.49
C ALA A 22 -2.83 1.81 14.05
N GLY A 23 -3.50 2.94 13.91
CA GLY A 23 -2.97 4.17 14.43
C GLY A 23 -3.94 5.30 14.23
N VAL A 24 -3.41 6.51 14.31
CA VAL A 24 -4.20 7.73 14.21
C VAL A 24 -3.83 8.43 12.93
N ALA A 25 -4.83 8.97 12.25
CA ALA A 25 -4.61 9.78 11.06
C ALA A 25 -3.59 10.87 11.35
N GLY A 26 -2.69 11.08 10.41
CA GLY A 26 -1.67 12.09 10.53
C GLY A 26 -0.32 11.57 10.98
N ASP A 27 -0.24 10.35 11.51
CA ASP A 27 1.04 9.76 11.86
C ASP A 27 1.70 9.18 10.62
N ASP A 28 3.03 9.13 10.65
CA ASP A 28 3.79 8.60 9.54
C ASP A 28 3.92 7.09 9.57
N ALA A 29 3.40 6.42 10.59
CA ALA A 29 3.49 4.98 10.71
C ALA A 29 2.47 4.50 11.73
N PRO A 30 2.01 3.26 11.63
CA PRO A 30 1.06 2.75 12.62
C PRO A 30 1.76 2.61 13.97
N ARG A 31 1.11 3.07 15.02
CA ARG A 31 1.69 2.90 16.34
C ARG A 31 1.37 1.55 16.94
N SER A 32 0.46 0.79 16.33
CA SER A 32 0.09 -0.53 16.80
C SER A 32 0.22 -1.52 15.65
N VAL A 33 1.01 -2.57 15.86
CA VAL A 33 1.17 -3.65 14.90
C VAL A 33 1.16 -4.95 15.69
N PHE A 34 0.20 -5.83 15.42
CA PHE A 34 0.09 -7.06 16.18
C PHE A 34 -0.42 -8.18 15.29
N PRO A 35 -0.12 -9.43 15.63
CA PRO A 35 -0.55 -10.55 14.80
C PRO A 35 -2.07 -10.68 14.78
N SER A 36 -2.60 -11.04 13.61
CA SER A 36 -4.04 -11.16 13.42
C SER A 36 -4.50 -12.57 13.83
N ILE A 37 -4.33 -12.85 15.12
CA ILE A 37 -4.57 -14.17 15.68
C ILE A 37 -5.54 -14.03 16.85
N VAL A 38 -6.44 -14.99 16.97
CA VAL A 38 -7.36 -15.09 18.10
C VAL A 38 -7.17 -16.46 18.75
N GLY A 39 -7.01 -16.47 20.07
CA GLY A 39 -6.86 -17.70 20.82
C GLY A 39 -7.95 -17.85 21.85
N ARG A 40 -8.47 -19.06 21.98
CA ARG A 40 -9.54 -19.38 22.91
C ARG A 40 -9.13 -20.60 23.73
N PRO A 41 -9.64 -20.73 24.96
CA PRO A 41 -9.12 -21.74 25.89
C PRO A 41 -9.18 -23.15 25.33
N LYS A 42 -8.32 -24.00 25.89
CA LYS A 42 -8.18 -25.39 25.49
C LYS A 42 -8.05 -25.52 23.98
N ASP A 54 -14.69 -15.61 26.16
CA ASP A 54 -13.36 -15.13 26.51
C ASP A 54 -12.35 -15.54 25.45
N ALA A 55 -11.53 -14.58 25.00
CA ALA A 55 -10.55 -14.85 23.97
C ALA A 55 -9.35 -13.92 24.14
N PHE A 56 -8.26 -14.26 23.47
CA PHE A 56 -7.05 -13.47 23.47
C PHE A 56 -6.61 -13.21 22.04
N VAL A 57 -5.97 -12.07 21.81
CA VAL A 57 -5.66 -11.58 20.48
C VAL A 57 -4.20 -11.17 20.40
N GLY A 58 -3.60 -11.39 19.24
CA GLY A 58 -2.27 -10.88 18.97
C GLY A 58 -1.18 -11.58 19.78
N ASP A 59 -0.25 -10.77 20.31
CA ASP A 59 0.90 -11.32 21.02
C ASP A 59 0.47 -12.12 22.24
N GLU A 60 -0.49 -11.61 23.01
CA GLU A 60 -0.99 -12.36 24.17
C GLU A 60 -1.38 -13.77 23.78
N ALA A 61 -1.95 -13.95 22.59
CA ALA A 61 -2.38 -15.28 22.18
C ALA A 61 -1.18 -16.18 21.89
N GLN A 62 -0.09 -15.61 21.38
CA GLN A 62 1.10 -16.41 21.12
C GLN A 62 1.81 -16.79 22.42
N THR A 63 1.80 -15.92 23.42
CA THR A 63 2.38 -16.27 24.71
C THR A 63 1.57 -17.35 25.43
N LYS A 64 0.32 -17.55 25.03
CA LYS A 64 -0.56 -18.56 25.62
C LYS A 64 -0.89 -19.66 24.62
N ARG A 65 0.11 -20.12 23.89
CA ARG A 65 -0.08 -21.22 22.94
C ARG A 65 -0.64 -22.46 23.63
N GLY A 66 0.00 -22.87 24.73
CA GLY A 66 -0.33 -24.16 25.34
C GLY A 66 -1.79 -24.29 25.70
N ILE A 67 -2.40 -23.21 26.20
CA ILE A 67 -3.76 -23.27 26.74
C ILE A 67 -4.79 -22.73 25.76
N LEU A 68 -4.39 -22.29 24.56
CA LEU A 68 -5.30 -21.69 23.60
C LEU A 68 -5.19 -22.39 22.26
N THR A 69 -6.32 -22.42 21.54
CA THR A 69 -6.35 -22.80 20.13
C THR A 69 -6.30 -21.53 19.28
N LEU A 70 -5.29 -21.44 18.40
CA LEU A 70 -5.04 -20.23 17.62
C LEU A 70 -5.70 -20.31 16.25
N LYS A 71 -6.45 -19.27 15.90
CA LYS A 71 -7.11 -19.18 14.60
C LYS A 71 -6.74 -17.87 13.91
N TYR A 72 -6.74 -17.91 12.57
CA TYR A 72 -6.47 -16.76 11.72
C TYR A 72 -7.77 -16.34 11.06
N PRO A 73 -8.47 -15.32 11.56
CA PRO A 73 -9.77 -14.94 10.97
C PRO A 73 -9.66 -14.28 9.61
N ILE A 74 -8.49 -13.84 9.19
CA ILE A 74 -8.29 -13.23 7.88
C ILE A 74 -7.38 -14.16 7.09
N GLU A 75 -7.93 -14.78 6.06
CA GLU A 75 -7.18 -15.68 5.20
C GLU A 75 -7.10 -15.06 3.82
N HIS A 76 -5.89 -14.93 3.32
CA HIS A 76 -5.67 -14.42 1.97
C HIS A 76 -6.34 -13.05 1.79
N GLY A 77 -6.41 -12.28 2.87
CA GLY A 77 -6.91 -10.92 2.83
C GLY A 77 -8.40 -10.78 3.05
N ILE A 78 -9.13 -11.88 3.14
CA ILE A 78 -10.58 -11.90 3.24
C ILE A 78 -10.96 -12.35 4.65
N VAL A 79 -11.85 -11.60 5.30
CA VAL A 79 -12.36 -12.02 6.60
C VAL A 79 -13.24 -13.24 6.42
N THR A 80 -12.93 -14.31 7.15
CA THR A 80 -13.71 -15.55 7.09
C THR A 80 -14.35 -15.95 8.41
N ASN A 81 -13.90 -15.41 9.54
CA ASN A 81 -14.47 -15.69 10.85
C ASN A 81 -14.83 -14.34 11.47
N TRP A 82 -16.10 -13.98 11.41
CA TRP A 82 -16.53 -12.66 11.82
C TRP A 82 -16.56 -12.50 13.34
N ASP A 83 -16.83 -13.58 14.07
CA ASP A 83 -16.75 -13.49 15.53
C ASP A 83 -15.33 -13.20 15.97
N ASP A 84 -14.36 -13.87 15.37
CA ASP A 84 -12.96 -13.62 15.74
C ASP A 84 -12.50 -12.25 15.24
N MET A 85 -12.96 -11.82 14.07
CA MET A 85 -12.57 -10.51 13.56
C MET A 85 -13.07 -9.40 14.46
N GLU A 86 -14.28 -9.55 15.00
CA GLU A 86 -14.80 -8.58 15.96
C GLU A 86 -13.94 -8.53 17.22
N LYS A 87 -13.39 -9.67 17.64
CA LYS A 87 -12.46 -9.67 18.77
C LYS A 87 -11.18 -8.92 18.43
N ILE A 88 -10.71 -9.05 17.19
CA ILE A 88 -9.52 -8.34 16.77
C ILE A 88 -9.77 -6.84 16.80
N TRP A 89 -10.89 -6.39 16.24
CA TRP A 89 -11.20 -4.97 16.23
C TRP A 89 -11.40 -4.43 17.65
N HIS A 90 -12.09 -5.20 18.50
CA HIS A 90 -12.21 -4.80 19.90
C HIS A 90 -10.83 -4.65 20.55
N HIS A 91 -9.95 -5.62 20.30
CA HIS A 91 -8.59 -5.54 20.81
C HIS A 91 -7.87 -4.30 20.29
N THR A 92 -8.04 -4.00 18.99
CA THR A 92 -7.43 -2.82 18.40
C THR A 92 -7.86 -1.56 19.14
N PHE A 93 -9.17 -1.36 19.30
CA PHE A 93 -9.67 -0.13 19.89
C PHE A 93 -9.34 -0.03 21.37
N TYR A 94 -9.65 -1.08 22.13
CA TYR A 94 -9.60 -1.04 23.59
C TYR A 94 -8.23 -1.38 24.17
N ASN A 95 -7.55 -2.40 23.65
CA ASN A 95 -6.28 -2.81 24.23
C ASN A 95 -5.08 -2.09 23.61
N GLU A 96 -5.11 -1.82 22.31
CA GLU A 96 -3.97 -1.19 21.64
C GLU A 96 -4.10 0.33 21.64
N LEU A 97 -5.14 0.84 20.97
CA LEU A 97 -5.32 2.29 20.80
C LEU A 97 -5.87 2.96 22.06
N ARG A 98 -6.65 2.25 22.86
CA ARG A 98 -7.42 2.83 23.95
C ARG A 98 -8.26 4.01 23.45
N ALA A 99 -8.84 3.85 22.27
CA ALA A 99 -9.76 4.82 21.70
C ALA A 99 -11.19 4.30 21.76
N ALA A 100 -12.12 5.20 22.09
CA ALA A 100 -13.54 4.90 22.01
C ALA A 100 -13.97 4.81 20.56
N PRO A 101 -14.33 3.64 20.03
CA PRO A 101 -14.74 3.60 18.62
C PRO A 101 -15.97 4.45 18.33
N GLU A 102 -16.87 4.59 19.31
CA GLU A 102 -18.07 5.36 19.09
C GLU A 102 -17.82 6.87 19.06
N GLU A 103 -16.57 7.32 19.20
CA GLU A 103 -16.25 8.75 19.25
C GLU A 103 -15.20 9.15 18.22
N HIS A 104 -14.82 8.25 17.30
CA HIS A 104 -13.87 8.56 16.23
C HIS A 104 -14.40 8.04 14.90
N PRO A 105 -14.22 8.78 13.81
CA PRO A 105 -14.37 8.16 12.50
C PRO A 105 -13.26 7.14 12.27
N VAL A 106 -13.56 6.10 11.50
CA VAL A 106 -12.62 5.01 11.30
C VAL A 106 -12.45 4.76 9.81
N LEU A 107 -11.19 4.68 9.37
CA LEU A 107 -10.85 4.26 8.02
C LEU A 107 -10.35 2.83 8.08
N LEU A 108 -11.02 1.94 7.35
CA LEU A 108 -10.67 0.53 7.31
C LEU A 108 -10.23 0.17 5.90
N THR A 109 -9.24 -0.69 5.80
CA THR A 109 -8.77 -1.14 4.51
C THR A 109 -9.44 -2.47 4.17
N GLU A 110 -9.43 -2.78 2.89
CA GLU A 110 -9.97 -4.02 2.39
C GLU A 110 -9.07 -4.48 1.25
N ALA A 111 -9.07 -5.79 1.03
CA ALA A 111 -8.28 -6.36 -0.03
C ALA A 111 -8.90 -6.03 -1.39
N PRO A 112 -8.10 -5.95 -2.44
CA PRO A 112 -8.67 -5.84 -3.78
C PRO A 112 -9.64 -6.97 -4.04
N LEU A 113 -10.74 -6.66 -4.74
CA LEU A 113 -11.78 -7.64 -5.06
C LEU A 113 -12.48 -8.19 -3.83
N ASN A 114 -12.45 -7.46 -2.72
CA ASN A 114 -13.18 -7.88 -1.54
C ASN A 114 -14.65 -8.12 -1.90
N PRO A 115 -15.26 -9.22 -1.47
CA PRO A 115 -16.66 -9.45 -1.82
C PRO A 115 -17.56 -8.40 -1.20
N LYS A 116 -18.54 -7.95 -1.99
CA LYS A 116 -19.62 -7.09 -1.53
C LYS A 116 -20.11 -7.46 -0.13
N ALA A 117 -20.45 -8.74 0.07
CA ALA A 117 -21.03 -9.17 1.33
C ALA A 117 -20.08 -8.92 2.49
N ASN A 118 -18.78 -9.10 2.28
CA ASN A 118 -17.82 -8.84 3.35
C ASN A 118 -17.75 -7.35 3.66
N ARG A 119 -17.73 -6.50 2.62
CA ARG A 119 -17.71 -5.06 2.88
C ARG A 119 -18.96 -4.64 3.66
N GLU A 120 -20.12 -5.17 3.29
CA GLU A 120 -21.37 -4.82 3.96
C GLU A 120 -21.38 -5.33 5.38
N ARG A 121 -20.83 -6.52 5.61
CA ARG A 121 -20.81 -7.07 6.96
C ARG A 121 -19.87 -6.29 7.86
N MET A 122 -18.69 -5.94 7.36
CA MET A 122 -17.76 -5.14 8.14
C MET A 122 -18.38 -3.78 8.48
N THR A 123 -19.08 -3.17 7.51
CA THR A 123 -19.78 -1.92 7.74
C THR A 123 -20.85 -2.07 8.82
N GLN A 124 -21.63 -3.14 8.75
CA GLN A 124 -22.65 -3.39 9.76
C GLN A 124 -22.04 -3.53 11.14
N ILE A 125 -20.92 -4.25 11.26
CA ILE A 125 -20.30 -4.48 12.56
C ILE A 125 -19.75 -3.17 13.12
N MET A 126 -19.17 -2.34 12.26
CA MET A 126 -18.63 -1.07 12.72
C MET A 126 -19.75 -0.15 13.22
N PHE A 127 -20.86 -0.07 12.49
CA PHE A 127 -21.89 0.88 12.83
C PHE A 127 -22.83 0.37 13.92
N GLU A 128 -22.96 -0.96 14.07
CA GLU A 128 -23.95 -1.52 14.97
C GLU A 128 -23.35 -2.24 16.18
N SER A 129 -22.14 -2.79 16.08
CA SER A 129 -21.49 -3.33 17.27
C SER A 129 -20.61 -2.28 17.93
N PHE A 130 -19.84 -1.53 17.16
CA PHE A 130 -18.94 -0.53 17.70
C PHE A 130 -19.51 0.88 17.66
N ASN A 131 -20.62 1.08 16.96
CA ASN A 131 -21.30 2.38 16.91
C ASN A 131 -20.38 3.50 16.44
N VAL A 132 -19.53 3.20 15.46
CA VAL A 132 -18.65 4.26 14.98
C VAL A 132 -19.51 5.39 14.42
N PRO A 133 -19.15 6.65 14.63
CA PRO A 133 -19.95 7.76 14.09
C PRO A 133 -19.81 7.92 12.60
N ALA A 134 -18.70 7.47 12.02
CA ALA A 134 -18.41 7.63 10.61
C ALA A 134 -17.35 6.62 10.24
N MET A 135 -17.38 6.15 9.00
CA MET A 135 -16.33 5.26 8.54
C MET A 135 -16.19 5.36 7.03
N TYR A 136 -15.07 4.83 6.54
CA TYR A 136 -14.72 4.81 5.14
C TYR A 136 -13.89 3.56 4.88
N VAL A 137 -14.14 2.90 3.75
CA VAL A 137 -13.42 1.68 3.38
C VAL A 137 -12.61 1.96 2.11
N ALA A 138 -11.30 1.73 2.19
CA ALA A 138 -10.40 1.97 1.07
C ALA A 138 -9.70 0.68 0.67
N ILE A 139 -9.38 0.58 -0.62
CA ILE A 139 -8.63 -0.56 -1.16
C ILE A 139 -7.17 -0.41 -0.80
N GLN A 140 -6.58 -1.46 -0.24
CA GLN A 140 -5.20 -1.38 0.24
C GLN A 140 -4.25 -0.88 -0.84
N ALA A 141 -4.32 -1.49 -2.03
CA ALA A 141 -3.37 -1.15 -3.09
C ALA A 141 -3.49 0.31 -3.50
N VAL A 142 -4.70 0.86 -3.49
CA VAL A 142 -4.87 2.25 -3.88
C VAL A 142 -4.22 3.18 -2.86
N LEU A 143 -4.41 2.89 -1.58
CA LEU A 143 -3.74 3.64 -0.53
C LEU A 143 -2.22 3.61 -0.71
N SER A 144 -1.65 2.46 -1.09
CA SER A 144 -0.22 2.38 -1.34
C SER A 144 0.21 3.26 -2.52
N LEU A 145 -0.56 3.26 -3.60
CA LEU A 145 -0.19 4.09 -4.74
C LEU A 145 -0.17 5.56 -4.36
N TYR A 146 -1.22 6.02 -3.66
CA TYR A 146 -1.25 7.39 -3.14
C TYR A 146 -0.02 7.67 -2.28
N SER A 147 0.33 6.75 -1.37
CA SER A 147 1.46 7.01 -0.48
C SER A 147 2.76 7.17 -1.28
N SER A 148 2.81 6.67 -2.50
CA SER A 148 3.97 6.84 -3.35
C SER A 148 3.93 8.11 -4.18
N GLY A 149 2.92 8.95 -4.00
CA GLY A 149 2.82 10.21 -4.74
C GLY A 149 2.39 10.04 -6.18
N ARG A 150 1.44 9.15 -6.44
CA ARG A 150 1.04 8.77 -7.79
C ARG A 150 -0.48 8.57 -7.81
N THR A 151 -1.09 8.93 -8.94
CA THR A 151 -2.47 8.59 -9.22
C THR A 151 -2.61 7.48 -10.26
N THR A 152 -1.52 7.12 -10.95
CA THR A 152 -1.54 6.11 -11.99
C THR A 152 -0.34 5.19 -11.83
N GLY A 153 -0.57 3.90 -12.00
CA GLY A 153 0.46 2.91 -11.76
C GLY A 153 -0.16 1.56 -11.50
N ILE A 154 0.71 0.55 -11.39
CA ILE A 154 0.28 -0.78 -11.00
C ILE A 154 0.98 -1.11 -9.69
N VAL A 155 0.18 -1.50 -8.70
CA VAL A 155 0.71 -1.84 -7.37
C VAL A 155 0.82 -3.35 -7.29
N LEU A 156 2.02 -3.83 -6.96
CA LEU A 156 2.26 -5.22 -6.58
C LEU A 156 2.32 -5.25 -5.05
N ASP A 157 1.25 -5.75 -4.42
CA ASP A 157 1.15 -5.78 -2.97
C ASP A 157 1.26 -7.24 -2.54
N SER A 158 2.35 -7.57 -1.88
CA SER A 158 2.56 -8.92 -1.35
C SER A 158 2.66 -8.85 0.16
N GLY A 159 1.68 -9.43 0.84
CA GLY A 159 1.67 -9.46 2.29
C GLY A 159 2.01 -10.83 2.86
N ASP A 160 1.26 -11.26 3.87
CA ASP A 160 1.51 -12.55 4.49
C ASP A 160 0.64 -13.65 3.90
N GLY A 161 -0.61 -13.35 3.57
CA GLY A 161 -1.53 -14.36 3.09
C GLY A 161 -1.95 -14.23 1.63
N VAL A 162 -1.67 -13.10 0.99
CA VAL A 162 -2.09 -12.91 -0.40
C VAL A 162 -1.20 -11.88 -1.06
N SER A 163 -1.09 -11.99 -2.38
CA SER A 163 -0.46 -10.99 -3.23
C SER A 163 -1.47 -10.56 -4.29
N HIS A 164 -1.46 -9.26 -4.63
CA HIS A 164 -2.30 -8.73 -5.69
C HIS A 164 -1.49 -7.82 -6.61
N THR A 165 -1.87 -7.78 -7.88
CA THR A 165 -1.38 -6.77 -8.80
C THR A 165 -2.59 -5.91 -9.19
N VAL A 166 -2.51 -4.61 -8.92
CA VAL A 166 -3.67 -3.73 -9.05
C VAL A 166 -3.34 -2.54 -9.94
N PRO A 167 -3.76 -2.57 -11.20
CA PRO A 167 -3.60 -1.39 -12.05
C PRO A 167 -4.57 -0.29 -11.64
N ILE A 168 -4.07 0.94 -11.63
CA ILE A 168 -4.79 2.13 -11.17
C ILE A 168 -4.57 3.23 -12.20
N TYR A 169 -5.64 3.91 -12.60
CA TYR A 169 -5.54 4.97 -13.60
C TYR A 169 -6.28 6.21 -13.09
N GLU A 170 -5.56 7.32 -12.99
CA GLU A 170 -6.11 8.59 -12.54
C GLU A 170 -6.93 8.42 -11.26
N GLY A 171 -6.39 7.64 -10.34
CA GLY A 171 -6.91 7.55 -9.00
C GLY A 171 -7.71 6.30 -8.70
N TYR A 172 -8.11 5.52 -9.70
CA TYR A 172 -9.06 4.44 -9.50
C TYR A 172 -8.57 3.12 -10.07
N ALA A 173 -8.71 2.05 -9.28
CA ALA A 173 -8.30 0.74 -9.75
C ALA A 173 -9.14 0.33 -10.94
N LEU A 174 -8.56 -0.52 -11.79
CA LEU A 174 -9.25 -1.09 -12.92
C LEU A 174 -9.67 -2.52 -12.57
N PRO A 175 -10.91 -2.75 -12.12
CA PRO A 175 -11.28 -4.08 -11.60
C PRO A 175 -10.97 -5.26 -12.51
N HIS A 176 -11.21 -5.11 -13.81
CA HIS A 176 -11.08 -6.18 -14.78
C HIS A 176 -9.64 -6.67 -14.96
N ALA A 177 -8.67 -5.96 -14.39
CA ALA A 177 -7.26 -6.28 -14.59
C ALA A 177 -6.55 -6.66 -13.29
N ILE A 178 -7.24 -6.62 -12.15
CA ILE A 178 -6.64 -7.04 -10.90
C ILE A 178 -6.40 -8.54 -10.95
N MET A 179 -5.24 -8.97 -10.44
CA MET A 179 -4.89 -10.38 -10.35
C MET A 179 -4.60 -10.72 -8.90
N ARG A 180 -5.13 -11.86 -8.46
N ARG A 180 -5.12 -11.87 -8.46
CA ARG A 180 -4.83 -12.39 -7.14
CA ARG A 180 -4.89 -12.37 -7.11
C ARG A 180 -3.83 -13.52 -7.27
C ARG A 180 -3.95 -13.56 -7.19
N LEU A 181 -2.90 -13.59 -6.32
N LEU A 181 -2.91 -13.54 -6.37
CA LEU A 181 -1.88 -14.64 -6.29
CA LEU A 181 -2.00 -14.67 -6.22
C LEU A 181 -1.80 -15.13 -4.85
C LEU A 181 -2.15 -15.23 -4.82
N ASP A 182 -2.37 -16.31 -4.60
N ASP A 182 -2.44 -16.53 -4.73
CA ASP A 182 -2.39 -16.88 -3.25
CA ASP A 182 -2.42 -17.23 -3.44
C ASP A 182 -1.01 -16.87 -2.62
C ASP A 182 -1.03 -17.74 -3.11
N LEU A 183 0.03 -17.03 -3.43
N LEU A 183 -0.07 -16.82 -3.23
CA LEU A 183 1.40 -17.09 -2.94
CA LEU A 183 1.33 -17.07 -2.91
C LEU A 183 1.79 -15.77 -2.27
C LEU A 183 1.87 -15.79 -2.28
N ALA A 184 2.27 -15.87 -1.03
CA ALA A 184 2.70 -14.69 -0.29
C ALA A 184 3.68 -15.11 0.81
N GLY A 185 3.84 -14.24 1.82
CA GLY A 185 4.92 -14.39 2.76
C GLY A 185 4.82 -15.65 3.60
N ARG A 186 3.61 -16.06 3.96
CA ARG A 186 3.47 -17.26 4.79
C ARG A 186 3.88 -18.51 4.01
N ASP A 187 3.60 -18.54 2.71
CA ASP A 187 4.09 -19.65 1.89
C ASP A 187 5.61 -19.68 1.87
N LEU A 188 6.24 -18.51 1.81
CA LEU A 188 7.70 -18.47 1.79
C LEU A 188 8.27 -18.91 3.15
N THR A 189 7.62 -18.54 4.25
CA THR A 189 8.06 -19.00 5.56
C THR A 189 7.96 -20.52 5.64
N GLU A 190 6.87 -21.08 5.11
CA GLU A 190 6.69 -22.53 5.12
C GLU A 190 7.66 -23.23 4.18
N TYR A 191 8.00 -22.59 3.06
CA TYR A 191 8.98 -23.18 2.16
C TYR A 191 10.37 -23.17 2.79
N LEU A 192 10.73 -22.13 3.53
CA LEU A 192 12.00 -22.13 4.23
C LEU A 192 12.04 -23.21 5.30
N MET A 193 10.94 -23.38 6.05
CA MET A 193 10.83 -24.49 6.98
C MET A 193 11.10 -25.83 6.29
N LYS A 194 10.64 -25.98 5.05
CA LYS A 194 10.77 -27.25 4.36
C LYS A 194 12.20 -27.49 3.88
N ILE A 195 12.77 -26.54 3.14
CA ILE A 195 14.09 -26.78 2.57
C ILE A 195 15.19 -26.79 3.63
N LEU A 196 14.93 -26.22 4.81
CA LEU A 196 15.91 -26.31 5.88
C LEU A 196 16.12 -27.74 6.38
N HIS A 197 15.21 -28.66 6.06
CA HIS A 197 15.43 -30.06 6.40
C HIS A 197 16.62 -30.65 5.66
N GLU A 198 17.02 -30.03 4.54
CA GLU A 198 18.21 -30.48 3.83
C GLU A 198 19.45 -30.40 4.71
N ARG A 199 19.48 -29.46 5.64
CA ARG A 199 20.59 -29.26 6.57
C ARG A 199 20.36 -29.96 7.90
N GLY A 200 19.21 -30.62 8.09
CA GLY A 200 18.91 -31.33 9.31
C GLY A 200 17.98 -30.62 10.27
N TYR A 201 17.47 -29.44 9.93
CA TYR A 201 16.61 -28.72 10.86
C TYR A 201 15.17 -29.21 10.76
N GLY A 202 14.55 -29.37 11.92
CA GLY A 202 13.15 -29.75 12.00
C GLY A 202 12.30 -28.69 12.66
N PHE A 203 12.01 -27.60 11.93
CA PHE A 203 11.06 -26.61 12.39
C PHE A 203 9.66 -27.00 11.92
N SER A 204 8.72 -27.09 12.85
CA SER A 204 7.38 -27.56 12.51
C SER A 204 6.30 -26.94 13.40
N THR A 205 6.63 -26.62 14.65
CA THR A 205 5.62 -26.09 15.55
C THR A 205 5.28 -24.64 15.19
N SER A 206 4.11 -24.20 15.66
CA SER A 206 3.68 -22.82 15.46
C SER A 206 4.74 -21.84 15.95
N ALA A 207 5.33 -22.10 17.12
CA ALA A 207 6.36 -21.23 17.65
C ALA A 207 7.63 -21.28 16.81
N GLU A 208 7.96 -22.44 16.27
CA GLU A 208 9.13 -22.57 15.42
C GLU A 208 8.92 -21.85 14.09
N LYS A 209 7.68 -21.80 13.59
CA LYS A 209 7.40 -21.07 12.35
C LYS A 209 7.70 -19.58 12.51
N GLU A 210 7.39 -19.02 13.67
CA GLU A 210 7.73 -17.63 13.94
C GLU A 210 9.23 -17.40 13.93
N ILE A 211 10.00 -18.36 14.45
CA ILE A 211 11.45 -18.26 14.36
C ILE A 211 11.88 -18.26 12.90
N VAL A 212 11.34 -19.20 12.12
CA VAL A 212 11.74 -19.32 10.72
C VAL A 212 11.33 -18.07 9.95
N ARG A 213 10.17 -17.51 10.28
CA ARG A 213 9.76 -16.25 9.66
C ARG A 213 10.83 -15.18 9.87
N ASP A 214 11.35 -15.08 11.10
CA ASP A 214 12.37 -14.08 11.40
C ASP A 214 13.66 -14.38 10.65
N ILE A 215 14.04 -15.66 10.58
CA ILE A 215 15.22 -16.03 9.79
C ILE A 215 15.04 -15.60 8.34
N LYS A 216 13.85 -15.87 7.78
CA LYS A 216 13.53 -15.43 6.43
C LYS A 216 13.75 -13.93 6.28
N GLU A 217 13.21 -13.14 7.20
CA GLU A 217 13.31 -11.69 7.06
C GLU A 217 14.74 -11.20 7.20
N LYS A 218 15.55 -11.87 8.04
CA LYS A 218 16.90 -11.35 8.30
C LYS A 218 17.90 -11.78 7.23
N LEU A 219 17.76 -12.98 6.67
CA LEU A 219 18.83 -13.56 5.86
C LEU A 219 18.49 -13.75 4.40
N CYS A 220 17.21 -13.76 4.03
CA CYS A 220 16.91 -14.08 2.65
C CYS A 220 17.17 -12.87 1.75
N TYR A 221 17.31 -13.15 0.45
CA TYR A 221 17.43 -12.13 -0.57
C TYR A 221 17.05 -12.77 -1.90
N ILE A 222 16.79 -11.92 -2.88
CA ILE A 222 16.36 -12.37 -4.21
C ILE A 222 17.54 -12.26 -5.17
N ALA A 223 17.80 -13.34 -5.89
CA ALA A 223 18.91 -13.37 -6.83
C ALA A 223 18.54 -12.58 -8.08
N LEU A 224 19.52 -11.88 -8.64
CA LEU A 224 19.30 -11.21 -9.91
C LEU A 224 19.11 -12.22 -11.03
N ASN A 225 19.97 -13.23 -11.09
CA ASN A 225 19.78 -14.38 -11.96
C ASN A 225 19.92 -15.64 -11.11
N PHE A 226 18.83 -16.39 -11.00
CA PHE A 226 18.81 -17.52 -10.07
C PHE A 226 19.83 -18.57 -10.47
N ASP A 227 19.82 -19.01 -11.74
CA ASP A 227 20.76 -20.03 -12.18
C ASP A 227 22.20 -19.63 -11.88
N GLU A 228 22.56 -18.38 -12.22
CA GLU A 228 23.92 -17.93 -11.96
C GLU A 228 24.22 -17.94 -10.47
N GLU A 229 23.25 -17.51 -9.66
CA GLU A 229 23.46 -17.45 -8.21
C GLU A 229 23.69 -18.83 -7.63
N MET A 230 22.93 -19.82 -8.11
CA MET A 230 23.16 -21.20 -7.68
C MET A 230 24.62 -21.62 -7.94
N LYS A 231 25.15 -21.26 -9.10
CA LYS A 231 26.53 -21.62 -9.43
C LYS A 231 27.54 -20.89 -8.56
N THR A 232 27.43 -19.56 -8.45
CA THR A 232 28.41 -18.80 -7.67
C THR A 232 28.36 -19.22 -6.21
N SER A 233 27.17 -19.49 -5.68
CA SER A 233 27.07 -19.89 -4.29
C SER A 233 27.73 -21.24 -4.04
N GLU A 234 27.74 -22.11 -5.05
CA GLU A 234 28.34 -23.43 -4.90
C GLU A 234 29.86 -23.37 -4.78
N GLN A 235 30.48 -22.32 -5.31
CA GLN A 235 31.94 -22.27 -5.44
C GLN A 235 32.66 -21.89 -4.16
N SER A 236 31.96 -21.41 -3.14
CA SER A 236 32.59 -21.07 -1.87
C SER A 236 31.53 -21.07 -0.79
N SER A 237 31.93 -20.69 0.41
CA SER A 237 31.03 -20.64 1.55
C SER A 237 30.58 -19.23 1.90
N ASP A 238 30.83 -18.26 1.02
CA ASP A 238 30.46 -16.88 1.32
C ASP A 238 28.95 -16.70 1.40
N ILE A 239 28.19 -17.56 0.70
CA ILE A 239 26.73 -17.50 0.77
C ILE A 239 26.25 -17.74 2.19
N GLU A 240 27.02 -18.46 2.99
CA GLU A 240 26.54 -18.87 4.31
C GLU A 240 26.50 -17.69 5.25
N LYS A 241 25.43 -17.62 6.03
CA LYS A 241 25.25 -16.60 7.04
C LYS A 241 24.50 -17.23 8.22
N SER A 242 24.75 -16.69 9.41
CA SER A 242 24.28 -17.30 10.64
C SER A 242 23.16 -16.48 11.27
N TYR A 243 22.50 -17.11 12.23
CA TYR A 243 21.35 -16.56 12.93
C TYR A 243 21.29 -17.21 14.30
N GLU A 244 21.16 -16.40 15.35
CA GLU A 244 21.14 -16.90 16.72
C GLU A 244 19.70 -17.27 17.09
N LEU A 245 19.46 -18.56 17.33
CA LEU A 245 18.16 -19.01 17.78
C LEU A 245 17.88 -18.50 19.20
N PRO A 246 16.62 -18.47 19.60
CA PRO A 246 16.31 -17.99 20.96
C PRO A 246 16.99 -18.79 22.05
N ASP A 247 17.23 -20.09 21.84
CA ASP A 247 17.85 -20.92 22.86
C ASP A 247 19.37 -20.72 22.93
N GLY A 248 19.94 -19.89 22.06
CA GLY A 248 21.36 -19.59 22.07
C GLY A 248 22.16 -20.29 20.99
N ASN A 249 21.66 -21.40 20.45
CA ASN A 249 22.36 -22.10 19.39
C ASN A 249 22.34 -21.27 18.11
N ILE A 250 23.33 -21.52 17.26
CA ILE A 250 23.50 -20.80 16.00
C ILE A 250 23.06 -21.71 14.86
N ILE A 251 22.31 -21.15 13.91
CA ILE A 251 21.92 -21.85 12.70
C ILE A 251 22.60 -21.16 11.51
N THR A 252 23.01 -21.96 10.55
CA THR A 252 23.65 -21.46 9.34
C THR A 252 22.78 -21.77 8.13
N VAL A 253 22.68 -20.81 7.22
CA VAL A 253 21.83 -20.89 6.05
C VAL A 253 22.66 -20.50 4.84
N GLY A 254 22.62 -21.32 3.81
CA GLY A 254 23.34 -21.02 2.58
C GLY A 254 22.43 -20.60 1.44
N ASN A 255 22.37 -21.40 0.37
CA ASN A 255 21.60 -21.00 -0.79
C ASN A 255 20.10 -20.96 -0.51
N GLU A 256 19.64 -21.50 0.62
CA GLU A 256 18.26 -21.30 1.02
C GLU A 256 17.93 -19.81 1.10
N ARG A 257 18.95 -18.97 1.32
CA ARG A 257 18.72 -17.55 1.48
C ARG A 257 18.00 -16.94 0.28
N PHE A 258 18.35 -17.38 -0.93
CA PHE A 258 17.69 -16.88 -2.13
C PHE A 258 16.82 -17.92 -2.83
N ARG A 259 16.95 -19.20 -2.49
CA ARG A 259 16.00 -20.19 -3.00
C ARG A 259 14.60 -19.97 -2.46
N CYS A 260 14.50 -19.52 -1.21
CA CYS A 260 13.18 -19.33 -0.59
C CYS A 260 12.37 -18.26 -1.32
N PRO A 261 12.82 -17.01 -1.42
CA PRO A 261 12.02 -16.00 -2.14
C PRO A 261 11.94 -16.27 -3.64
N GLU A 262 12.86 -17.06 -4.22
CA GLU A 262 12.73 -17.45 -5.62
C GLU A 262 11.36 -18.02 -5.93
N ALA A 263 10.67 -18.58 -4.93
CA ALA A 263 9.35 -19.16 -5.15
C ALA A 263 8.35 -18.12 -5.63
N LEU A 264 8.58 -16.84 -5.29
CA LEU A 264 7.74 -15.76 -5.81
C LEU A 264 7.76 -15.73 -7.32
N PHE A 265 8.89 -16.09 -7.92
CA PHE A 265 9.05 -16.09 -9.37
C PHE A 265 8.80 -17.45 -9.99
N GLN A 266 9.04 -18.53 -9.25
CA GLN A 266 8.85 -19.90 -9.73
C GLN A 266 7.99 -20.64 -8.72
N PRO A 267 6.67 -20.40 -8.72
CA PRO A 267 5.82 -21.08 -7.73
C PRO A 267 5.86 -22.59 -7.81
N SER A 268 6.37 -23.16 -8.91
CA SER A 268 6.53 -24.61 -8.97
C SER A 268 7.38 -25.12 -7.81
N PHE A 269 8.31 -24.30 -7.30
CA PHE A 269 9.08 -24.68 -6.12
C PHE A 269 8.17 -25.09 -4.96
N LEU A 270 6.94 -24.58 -4.95
CA LEU A 270 5.99 -24.84 -3.88
C LEU A 270 4.92 -25.87 -4.27
N GLY A 271 5.05 -26.48 -5.44
CA GLY A 271 4.01 -27.36 -5.93
C GLY A 271 2.83 -26.66 -6.55
N LYS A 272 2.94 -25.35 -6.83
CA LYS A 272 1.85 -24.57 -7.41
C LYS A 272 2.08 -24.35 -8.90
N GLU A 273 1.01 -24.48 -9.68
CA GLU A 273 1.09 -24.19 -11.12
C GLU A 273 0.98 -22.71 -11.42
N ALA A 274 0.78 -21.87 -10.41
CA ALA A 274 0.49 -20.45 -10.65
C ALA A 274 1.68 -19.75 -11.30
N ALA A 275 1.37 -18.69 -12.05
CA ALA A 275 2.39 -17.79 -12.56
C ALA A 275 3.06 -17.06 -11.41
N GLY A 276 4.34 -16.74 -11.60
CA GLY A 276 5.07 -15.92 -10.65
C GLY A 276 4.70 -14.45 -10.73
N ILE A 277 5.28 -13.68 -9.82
CA ILE A 277 4.87 -12.29 -9.65
C ILE A 277 5.25 -11.45 -10.87
N HIS A 278 6.33 -11.79 -11.56
CA HIS A 278 6.71 -11.05 -12.76
C HIS A 278 5.69 -11.28 -13.88
N THR A 279 5.36 -12.54 -14.12
CA THR A 279 4.35 -12.89 -15.11
C THR A 279 3.00 -12.29 -14.76
N THR A 280 2.63 -12.33 -13.48
CA THR A 280 1.31 -11.85 -13.07
C THR A 280 1.20 -10.34 -13.26
N THR A 281 2.24 -9.59 -12.90
CA THR A 281 2.26 -8.16 -13.17
C THR A 281 2.09 -7.88 -14.67
N PHE A 282 2.88 -8.56 -15.49
CA PHE A 282 2.77 -8.44 -16.94
C PHE A 282 1.35 -8.72 -17.42
N ASN A 283 0.75 -9.83 -16.98
CA ASN A 283 -0.61 -10.16 -17.42
C ASN A 283 -1.61 -9.10 -16.98
N SER A 284 -1.39 -8.53 -15.80
CA SER A 284 -2.29 -7.49 -15.28
C SER A 284 -2.22 -6.22 -16.13
N ILE A 285 -1.01 -5.83 -16.56
CA ILE A 285 -0.85 -4.67 -17.42
C ILE A 285 -1.50 -4.90 -18.78
N LYS A 286 -1.30 -6.10 -19.35
CA LYS A 286 -1.91 -6.43 -20.63
C LYS A 286 -3.43 -6.33 -20.60
N LYS A 287 -4.06 -6.60 -19.45
CA LYS A 287 -5.51 -6.49 -19.38
C LYS A 287 -6.00 -5.06 -19.61
N CYS A 288 -5.13 -4.07 -19.43
CA CYS A 288 -5.52 -2.68 -19.62
C CYS A 288 -5.29 -2.26 -21.07
N ASP A 289 -6.09 -1.30 -21.53
CA ASP A 289 -6.03 -0.93 -22.94
C ASP A 289 -4.65 -0.35 -23.26
N VAL A 290 -4.22 -0.56 -24.50
CA VAL A 290 -2.84 -0.28 -24.90
C VAL A 290 -2.47 1.19 -24.70
N ASP A 291 -3.45 2.09 -24.66
CA ASP A 291 -3.14 3.51 -24.59
C ASP A 291 -2.67 3.96 -23.21
N ILE A 292 -2.85 3.14 -22.17
CA ILE A 292 -2.40 3.50 -20.83
C ILE A 292 -1.34 2.55 -20.28
N ARG A 293 -0.88 1.59 -21.08
CA ARG A 293 0.09 0.63 -20.56
C ARG A 293 1.42 1.28 -20.25
N LYS A 294 1.84 2.25 -21.08
CA LYS A 294 3.12 2.91 -20.83
C LYS A 294 3.18 3.48 -19.42
N ASP A 295 2.07 4.08 -18.97
CA ASP A 295 2.03 4.68 -17.64
C ASP A 295 2.05 3.64 -16.52
N LEU A 296 1.61 2.41 -16.81
CA LEU A 296 1.66 1.37 -15.79
C LEU A 296 3.05 0.75 -15.72
N TYR A 297 3.59 0.37 -16.88
CA TYR A 297 4.96 -0.14 -16.95
C TYR A 297 5.95 0.82 -16.30
N GLY A 298 5.73 2.13 -16.47
CA GLY A 298 6.62 3.12 -15.90
C GLY A 298 6.40 3.43 -14.45
N ASN A 299 5.43 2.77 -13.81
CA ASN A 299 5.04 3.06 -12.44
C ASN A 299 4.60 1.76 -11.73
N ILE A 300 5.50 0.78 -11.70
CA ILE A 300 5.27 -0.46 -10.98
C ILE A 300 5.69 -0.23 -9.54
N VAL A 301 4.72 -0.17 -8.64
CA VAL A 301 4.96 0.24 -7.26
C VAL A 301 4.83 -0.97 -6.34
N LEU A 302 5.89 -1.27 -5.60
CA LEU A 302 5.89 -2.39 -4.67
C LEU A 302 5.31 -1.99 -3.32
N SER A 303 4.55 -2.91 -2.73
CA SER A 303 3.86 -2.67 -1.47
C SER A 303 3.87 -3.95 -0.64
N GLY A 304 4.03 -3.84 0.67
CA GLY A 304 3.85 -4.97 1.57
C GLY A 304 5.15 -5.63 2.02
N GLY A 305 5.05 -6.41 3.09
CA GLY A 305 6.25 -6.94 3.73
C GLY A 305 7.03 -7.90 2.85
N THR A 306 6.33 -8.69 2.03
CA THR A 306 7.00 -9.66 1.19
C THR A 306 7.66 -9.04 -0.05
N THR A 307 7.51 -7.72 -0.26
CA THR A 307 8.32 -7.02 -1.26
C THR A 307 9.57 -6.39 -0.66
N MET A 308 9.89 -6.69 0.59
CA MET A 308 11.04 -6.11 1.28
C MET A 308 12.36 -6.83 1.02
N TYR A 309 12.37 -7.95 0.29
CA TYR A 309 13.63 -8.63 0.02
C TYR A 309 14.58 -7.73 -0.75
N GLU A 310 15.83 -7.66 -0.30
CA GLU A 310 16.90 -7.09 -1.11
C GLU A 310 16.95 -7.74 -2.48
N GLY A 311 17.21 -6.93 -3.51
CA GLY A 311 17.33 -7.40 -4.88
C GLY A 311 16.03 -7.51 -5.66
N ILE A 312 14.87 -7.26 -5.05
CA ILE A 312 13.59 -7.54 -5.71
C ILE A 312 13.36 -6.59 -6.88
N GLY A 313 13.61 -5.29 -6.68
CA GLY A 313 13.37 -4.33 -7.75
C GLY A 313 14.21 -4.63 -8.98
N GLU A 314 15.51 -4.84 -8.77
CA GLU A 314 16.40 -5.20 -9.86
C GLU A 314 15.95 -6.47 -10.57
N ARG A 315 15.54 -7.48 -9.81
CA ARG A 315 15.12 -8.74 -10.40
C ARG A 315 13.79 -8.59 -11.14
N LEU A 316 12.84 -7.88 -10.52
CA LEU A 316 11.55 -7.69 -11.17
C LEU A 316 11.70 -6.86 -12.43
N THR A 317 12.54 -5.82 -12.38
CA THR A 317 12.81 -5.00 -13.57
C THR A 317 13.33 -5.85 -14.72
N ARG A 318 14.33 -6.69 -14.45
CA ARG A 318 14.89 -7.53 -15.50
C ARG A 318 13.82 -8.46 -16.08
N ASP A 319 13.04 -9.11 -15.21
CA ASP A 319 12.10 -10.13 -15.69
C ASP A 319 10.92 -9.51 -16.43
N ILE A 320 10.40 -8.38 -15.95
CA ILE A 320 9.29 -7.76 -16.66
C ILE A 320 9.77 -7.14 -17.96
N THR A 321 10.99 -6.62 -17.99
CA THR A 321 11.53 -6.07 -19.24
C THR A 321 11.61 -7.15 -20.30
N THR A 322 12.03 -8.35 -19.91
CA THR A 322 12.07 -9.48 -20.83
C THR A 322 10.68 -9.78 -21.40
N LEU A 323 9.67 -9.78 -20.53
CA LEU A 323 8.31 -10.12 -20.96
C LEU A 323 7.69 -9.00 -21.80
N ALA A 324 7.95 -7.76 -21.46
CA ALA A 324 7.20 -6.65 -22.03
C ALA A 324 7.74 -6.27 -23.41
N PRO A 325 6.92 -5.60 -24.22
CA PRO A 325 7.43 -5.09 -25.50
C PRO A 325 8.66 -4.23 -25.28
N SER A 326 9.61 -4.36 -26.20
CA SER A 326 10.89 -3.66 -26.06
C SER A 326 10.77 -2.15 -26.15
N THR A 327 9.63 -1.62 -26.60
CA THR A 327 9.41 -0.18 -26.65
C THR A 327 8.99 0.41 -25.31
N MET A 328 8.60 -0.43 -24.35
CA MET A 328 8.11 0.06 -23.08
C MET A 328 9.26 0.41 -22.15
N LYS A 329 9.03 1.42 -21.31
CA LYS A 329 9.97 1.83 -20.28
C LYS A 329 9.53 1.22 -18.96
N ILE A 330 10.32 0.28 -18.46
CA ILE A 330 9.98 -0.42 -17.22
C ILE A 330 10.61 0.33 -16.07
N LYS A 331 9.79 0.71 -15.09
CA LYS A 331 10.31 1.31 -13.86
C LYS A 331 9.62 0.64 -12.69
N VAL A 332 10.40 -0.02 -11.84
CA VAL A 332 9.91 -0.64 -10.62
C VAL A 332 10.30 0.26 -9.47
N VAL A 333 9.32 0.72 -8.70
CA VAL A 333 9.52 1.62 -7.59
C VAL A 333 9.42 0.84 -6.29
N ALA A 334 10.45 0.94 -5.44
CA ALA A 334 10.53 0.20 -4.19
C ALA A 334 10.71 1.21 -3.04
N PRO A 335 9.63 1.78 -2.54
CA PRO A 335 9.74 2.80 -1.49
C PRO A 335 10.29 2.21 -0.20
N PRO A 336 11.15 2.94 0.51
CA PRO A 336 11.75 2.35 1.73
C PRO A 336 10.74 2.07 2.82
N GLU A 337 9.62 2.78 2.84
N GLU A 337 9.62 2.80 2.85
CA GLU A 337 8.57 2.58 3.84
CA GLU A 337 8.58 2.56 3.85
C GLU A 337 7.46 1.67 3.34
C GLU A 337 7.43 1.75 3.27
N ARG A 338 7.69 0.92 2.25
CA ARG A 338 6.60 0.20 1.60
C ARG A 338 5.98 -0.87 2.47
N LYS A 339 6.65 -1.31 3.55
CA LYS A 339 6.04 -2.32 4.43
C LYS A 339 4.72 -1.82 5.00
N TYR A 340 4.62 -0.53 5.33
CA TYR A 340 3.40 0.04 5.89
C TYR A 340 2.76 1.07 4.98
N SER A 341 3.07 1.06 3.68
CA SER A 341 2.56 2.09 2.78
C SER A 341 1.03 2.09 2.72
N VAL A 342 0.41 0.92 2.84
CA VAL A 342 -1.06 0.89 2.89
C VAL A 342 -1.56 1.74 4.04
N TRP A 343 -1.03 1.49 5.24
CA TRP A 343 -1.45 2.26 6.39
C TRP A 343 -1.14 3.75 6.21
N ILE A 344 0.06 4.05 5.73
CA ILE A 344 0.47 5.44 5.53
C ILE A 344 -0.48 6.15 4.56
N GLY A 345 -0.86 5.46 3.47
CA GLY A 345 -1.84 6.02 2.56
C GLY A 345 -3.16 6.35 3.25
N GLY A 346 -3.63 5.44 4.11
CA GLY A 346 -4.86 5.71 4.84
C GLY A 346 -4.72 6.86 5.80
N SER A 347 -3.53 7.02 6.37
CA SER A 347 -3.26 8.10 7.31
C SER A 347 -3.28 9.45 6.61
N ILE A 348 -2.70 9.52 5.42
CA ILE A 348 -2.69 10.76 4.65
C ILE A 348 -4.11 11.10 4.19
N LEU A 349 -4.80 10.11 3.61
CA LEU A 349 -6.13 10.34 3.05
C LEU A 349 -7.10 10.82 4.12
N SER A 350 -7.12 10.16 5.28
CA SER A 350 -8.04 10.53 6.33
C SER A 350 -7.63 11.81 7.07
N SER A 351 -6.48 12.40 6.73
CA SER A 351 -6.07 13.67 7.31
C SER A 351 -6.46 14.87 6.43
N LEU A 352 -6.83 14.64 5.18
CA LEU A 352 -7.06 15.75 4.27
C LEU A 352 -8.30 16.54 4.68
N SER A 353 -8.25 17.84 4.39
CA SER A 353 -9.39 18.71 4.69
C SER A 353 -10.65 18.26 3.97
N THR A 354 -10.51 17.50 2.89
CA THR A 354 -11.64 17.03 2.10
C THR A 354 -12.18 15.67 2.55
N PHE A 355 -11.61 15.08 3.60
N PHE A 355 -11.63 15.07 3.59
CA PHE A 355 -12.04 13.76 4.05
CA PHE A 355 -12.11 13.75 3.95
C PHE A 355 -13.37 13.80 4.80
C PHE A 355 -13.37 13.79 4.83
N GLN A 356 -13.72 14.95 5.40
CA GLN A 356 -14.99 15.06 6.12
C GLN A 356 -16.15 14.66 5.23
N GLN A 357 -16.12 15.09 3.96
CA GLN A 357 -17.22 14.86 3.04
C GLN A 357 -17.22 13.44 2.46
N MET A 358 -16.13 12.69 2.64
CA MET A 358 -16.03 11.37 2.05
C MET A 358 -16.61 10.28 2.92
N TRP A 359 -16.68 10.45 4.23
N TRP A 359 -16.67 10.50 4.23
CA TRP A 359 -17.02 9.32 5.07
CA TRP A 359 -17.08 9.49 5.19
C TRP A 359 -18.54 9.11 5.14
C TRP A 359 -18.48 8.97 4.88
N ILE A 360 -18.91 7.85 5.37
N ILE A 360 -18.85 7.92 5.60
CA ILE A 360 -20.30 7.50 5.64
CA ILE A 360 -20.22 7.45 5.72
C ILE A 360 -20.58 7.71 7.12
C ILE A 360 -20.62 7.64 7.17
N THR A 361 -21.63 8.46 7.42
CA THR A 361 -22.04 8.71 8.80
C THR A 361 -22.96 7.60 9.30
N LYS A 362 -23.02 7.44 10.62
CA LYS A 362 -23.90 6.45 11.20
C LYS A 362 -25.37 6.79 10.95
N GLU A 363 -25.68 8.08 10.86
CA GLU A 363 -27.03 8.49 10.54
C GLU A 363 -27.40 8.06 9.13
N GLU A 364 -26.52 8.34 8.16
CA GLU A 364 -26.71 7.83 6.80
C GLU A 364 -26.94 6.33 6.81
N TYR A 365 -26.08 5.59 7.51
CA TYR A 365 -26.22 4.14 7.54
C TYR A 365 -27.53 3.72 8.18
N ASP A 366 -27.82 4.26 9.36
CA ASP A 366 -29.02 3.86 10.10
C ASP A 366 -30.28 3.97 9.24
N GLU A 367 -30.32 4.93 8.33
CA GLU A 367 -31.51 5.20 7.52
C GLU A 367 -31.40 4.70 6.09
N SER A 368 -30.24 4.21 5.65
CA SER A 368 -30.08 3.61 4.34
C SER A 368 -29.76 2.13 4.40
N GLY A 369 -28.76 1.75 5.18
CA GLY A 369 -28.40 0.36 5.35
C GLY A 369 -26.98 0.08 4.88
N PRO A 370 -26.47 -1.12 5.18
CA PRO A 370 -25.08 -1.44 4.79
C PRO A 370 -24.80 -1.23 3.32
N SER A 371 -25.83 -1.16 2.47
CA SER A 371 -25.63 -0.91 1.05
C SER A 371 -25.04 0.47 0.77
N ILE A 372 -25.12 1.40 1.72
CA ILE A 372 -24.60 2.74 1.48
C ILE A 372 -23.09 2.73 1.29
N VAL A 373 -22.41 1.70 1.78
CA VAL A 373 -20.95 1.66 1.69
C VAL A 373 -20.50 1.65 0.23
N HIS A 374 -21.35 1.16 -0.67
CA HIS A 374 -21.03 1.12 -2.09
C HIS A 374 -21.30 2.46 -2.74
N GLU B 6 -15.74 18.51 -2.65
CA GLU B 6 -16.00 19.94 -2.48
C GLU B 6 -15.06 20.54 -1.42
N HIS B 7 -14.81 21.84 -1.53
CA HIS B 7 -13.78 22.54 -0.75
C HIS B 7 -13.72 23.99 -1.25
N PRO B 8 -13.46 24.97 -0.39
CA PRO B 8 -13.41 26.36 -0.86
C PRO B 8 -12.57 26.58 -2.11
N GLU B 9 -11.39 25.97 -2.18
CA GLU B 9 -10.57 26.14 -3.38
C GLU B 9 -11.13 25.34 -4.55
N PHE B 10 -11.83 24.24 -4.27
CA PHE B 10 -12.55 23.54 -5.34
C PHE B 10 -13.58 24.45 -5.99
N LEU B 11 -14.32 25.20 -5.17
CA LEU B 11 -15.32 26.10 -5.72
C LEU B 11 -14.72 27.06 -6.75
N LYS B 12 -13.47 27.49 -6.53
CA LYS B 12 -12.81 28.42 -7.44
C LYS B 12 -12.19 27.76 -8.66
N ALA B 13 -12.01 26.45 -8.64
CA ALA B 13 -11.17 25.80 -9.64
C ALA B 13 -11.84 25.74 -11.01
N GLY B 14 -11.11 26.13 -12.04
CA GLY B 14 -11.52 25.85 -13.39
C GLY B 14 -12.66 26.70 -13.91
N LYS B 15 -12.92 27.83 -13.27
CA LYS B 15 -14.03 28.70 -13.64
C LYS B 15 -13.70 29.60 -14.83
N GLU B 16 -12.44 30.02 -14.95
CA GLU B 16 -11.99 30.88 -16.03
C GLU B 16 -10.71 30.32 -16.61
N PRO B 17 -10.45 30.55 -17.89
CA PRO B 17 -9.13 30.20 -18.41
C PRO B 17 -8.04 30.88 -17.60
N GLY B 18 -6.92 30.20 -17.46
CA GLY B 18 -5.81 30.71 -16.70
C GLY B 18 -5.10 29.60 -15.97
N LEU B 19 -4.34 29.99 -14.96
CA LEU B 19 -3.41 29.10 -14.26
C LEU B 19 -3.65 29.22 -12.77
N GLN B 20 -4.00 28.10 -12.13
CA GLN B 20 -4.23 28.06 -10.70
C GLN B 20 -3.22 27.11 -10.06
N ILE B 21 -2.48 27.61 -9.06
CA ILE B 21 -1.44 26.84 -8.38
C ILE B 21 -1.75 26.83 -6.91
N TRP B 22 -1.78 25.63 -6.34
CA TRP B 22 -1.91 25.44 -4.90
C TRP B 22 -0.70 24.69 -4.38
N ARG B 23 -0.38 24.92 -3.12
CA ARG B 23 0.65 24.17 -2.43
C ARG B 23 -0.01 23.32 -1.35
N VAL B 24 0.49 22.10 -1.20
CA VAL B 24 0.07 21.29 -0.07
C VAL B 24 0.72 21.85 1.20
N GLU B 25 -0.10 22.14 2.19
CA GLU B 25 0.38 22.67 3.47
C GLU B 25 -0.39 21.95 4.58
N LYS B 26 0.29 21.06 5.28
CA LYS B 26 -0.28 20.32 6.41
C LYS B 26 -1.66 19.77 6.06
N PHE B 27 -1.68 18.94 5.02
CA PHE B 27 -2.86 18.18 4.60
C PHE B 27 -3.97 19.07 4.05
N ASP B 28 -3.64 20.26 3.60
CA ASP B 28 -4.62 21.15 2.99
C ASP B 28 -4.06 21.69 1.68
N LEU B 29 -4.97 22.19 0.85
CA LEU B 29 -4.65 22.78 -0.45
C LEU B 29 -4.72 24.30 -0.33
N VAL B 30 -3.58 24.96 -0.39
CA VAL B 30 -3.45 26.39 -0.10
C VAL B 30 -3.04 27.11 -1.38
N PRO B 31 -3.76 28.16 -1.80
CA PRO B 31 -3.35 28.89 -3.00
C PRO B 31 -1.96 29.48 -2.85
N VAL B 32 -1.20 29.43 -3.92
CA VAL B 32 0.13 30.03 -3.95
C VAL B 32 -0.01 31.51 -4.28
N PRO B 33 0.65 32.41 -3.56
CA PRO B 33 0.63 33.84 -3.92
C PRO B 33 1.04 34.04 -5.37
N PRO B 34 0.21 34.72 -6.17
CA PRO B 34 0.52 34.83 -7.61
C PRO B 34 1.89 35.42 -7.91
N ASN B 35 2.45 36.24 -7.01
N ASN B 35 2.45 36.25 -7.01
CA ASN B 35 3.79 36.77 -7.24
CA ASN B 35 3.78 36.78 -7.25
C ASN B 35 4.87 35.71 -7.17
C ASN B 35 4.86 35.70 -7.19
N LEU B 36 4.55 34.50 -6.71
CA LEU B 36 5.51 33.41 -6.60
C LEU B 36 5.33 32.35 -7.67
N TYR B 37 4.45 32.58 -8.65
CA TYR B 37 4.19 31.59 -9.69
C TYR B 37 5.47 31.33 -10.49
N GLY B 38 5.84 30.06 -10.59
CA GLY B 38 7.03 29.65 -11.30
C GLY B 38 8.21 29.32 -10.41
N ASP B 39 8.18 29.75 -9.14
CA ASP B 39 9.23 29.49 -8.17
C ASP B 39 8.71 28.45 -7.19
N PHE B 40 9.27 27.24 -7.25
CA PHE B 40 8.75 26.10 -6.51
C PHE B 40 9.72 25.70 -5.41
N PHE B 41 9.20 25.58 -4.19
CA PHE B 41 10.02 25.10 -3.08
C PHE B 41 10.32 23.62 -3.28
N THR B 42 11.61 23.29 -3.28
N THR B 42 11.60 23.28 -3.27
CA THR B 42 12.03 21.91 -3.47
CA THR B 42 11.98 21.89 -3.50
C THR B 42 11.51 20.99 -2.38
C THR B 42 11.57 20.97 -2.36
N GLY B 43 11.23 21.53 -1.20
CA GLY B 43 10.75 20.75 -0.09
C GLY B 43 9.25 20.56 -0.06
N ASP B 44 8.53 20.98 -1.11
CA ASP B 44 7.09 20.99 -1.09
C ASP B 44 6.52 20.32 -2.34
N ALA B 45 5.22 20.08 -2.30
CA ALA B 45 4.47 19.52 -3.41
C ALA B 45 3.32 20.46 -3.74
N TYR B 46 2.95 20.50 -5.02
CA TYR B 46 1.99 21.46 -5.52
C TYR B 46 0.97 20.78 -6.42
N VAL B 47 -0.21 21.40 -6.54
CA VAL B 47 -1.21 21.04 -7.53
C VAL B 47 -1.42 22.25 -8.44
N ILE B 48 -1.41 22.01 -9.75
CA ILE B 48 -1.52 23.04 -10.77
C ILE B 48 -2.67 22.67 -11.71
N LEU B 49 -3.62 23.59 -11.90
CA LEU B 49 -4.70 23.42 -12.87
C LEU B 49 -4.56 24.49 -13.95
N LYS B 50 -4.31 24.05 -15.17
CA LYS B 50 -4.36 24.91 -16.34
C LYS B 50 -5.72 24.78 -17.00
N THR B 51 -6.40 25.91 -17.19
CA THR B 51 -7.70 25.96 -17.84
C THR B 51 -7.57 26.71 -19.16
N VAL B 52 -8.03 26.09 -20.24
CA VAL B 52 -7.99 26.68 -21.57
C VAL B 52 -9.41 26.79 -22.12
N GLN B 53 -9.70 27.91 -22.78
CA GLN B 53 -11.00 28.14 -23.39
C GLN B 53 -10.96 27.68 -24.85
N LEU B 54 -11.90 26.82 -25.22
CA LEU B 54 -11.95 26.28 -26.57
C LEU B 54 -12.95 27.06 -27.42
N LEU B 59 -14.32 24.65 -21.88
CA LEU B 59 -13.12 24.66 -21.06
C LEU B 59 -12.46 23.27 -21.00
N GLN B 60 -11.18 23.20 -21.34
CA GLN B 60 -10.40 21.99 -21.16
C GLN B 60 -9.45 22.15 -19.98
N TYR B 61 -9.21 21.04 -19.28
CA TYR B 61 -8.51 21.06 -18.00
C TYR B 61 -7.32 20.13 -18.04
N ASP B 62 -6.17 20.63 -17.61
CA ASP B 62 -5.00 19.79 -17.37
C ASP B 62 -4.56 19.99 -15.93
N LEU B 63 -4.52 18.91 -15.17
CA LEU B 63 -4.08 18.92 -13.79
C LEU B 63 -2.66 18.37 -13.70
N HIS B 64 -1.77 19.11 -13.07
CA HIS B 64 -0.41 18.68 -12.82
C HIS B 64 -0.15 18.69 -11.32
N TYR B 65 0.48 17.64 -10.82
CA TYR B 65 0.95 17.67 -9.44
C TYR B 65 2.47 17.57 -9.47
N TRP B 66 3.12 18.50 -8.79
CA TRP B 66 4.55 18.73 -8.88
C TRP B 66 5.18 18.38 -7.54
N LEU B 67 6.19 17.51 -7.59
CA LEU B 67 6.79 16.95 -6.38
C LEU B 67 8.24 17.42 -6.27
N GLY B 68 8.51 18.22 -5.24
CA GLY B 68 9.88 18.66 -5.01
C GLY B 68 10.76 17.51 -4.54
N ASN B 69 12.05 17.62 -4.83
CA ASN B 69 12.94 16.51 -4.51
C ASN B 69 13.02 16.25 -3.02
N GLU B 70 12.73 17.23 -2.19
CA GLU B 70 12.81 17.09 -0.74
C GLU B 70 11.46 17.11 -0.05
N CYS B 71 10.37 16.98 -0.79
CA CYS B 71 9.06 17.05 -0.16
C CYS B 71 8.76 15.74 0.57
N SER B 72 7.96 15.84 1.61
CA SER B 72 7.70 14.72 2.50
C SER B 72 6.54 13.88 1.98
N GLN B 73 6.47 12.65 2.48
CA GLN B 73 5.53 11.67 1.92
C GLN B 73 4.09 12.14 2.08
N ASP B 74 3.78 12.82 3.19
CA ASP B 74 2.43 13.35 3.35
C ASP B 74 2.10 14.39 2.28
N GLU B 75 3.11 15.13 1.80
CA GLU B 75 2.88 16.20 0.82
C GLU B 75 2.72 15.64 -0.59
N SER B 76 3.61 14.74 -0.99
CA SER B 76 3.47 14.12 -2.30
C SER B 76 2.23 13.23 -2.36
N GLY B 77 1.88 12.57 -1.25
CA GLY B 77 0.66 11.79 -1.23
C GLY B 77 -0.60 12.65 -1.26
N ALA B 78 -0.61 13.71 -0.46
CA ALA B 78 -1.76 14.61 -0.50
C ALA B 78 -1.91 15.24 -1.88
N ALA B 79 -0.79 15.55 -2.54
CA ALA B 79 -0.87 16.19 -3.84
C ALA B 79 -1.51 15.26 -4.85
N ALA B 80 -1.18 13.98 -4.79
CA ALA B 80 -1.79 13.01 -5.69
C ALA B 80 -3.28 12.85 -5.41
N ILE B 81 -3.67 12.80 -4.13
CA ILE B 81 -5.08 12.60 -3.81
C ILE B 81 -5.89 13.84 -4.18
N PHE B 82 -5.40 15.03 -3.81
CA PHE B 82 -6.09 16.26 -4.18
C PHE B 82 -6.29 16.33 -5.70
N THR B 83 -5.31 15.83 -6.46
CA THR B 83 -5.43 15.84 -7.91
C THR B 83 -6.60 14.99 -8.36
N VAL B 84 -6.68 13.75 -7.86
CA VAL B 84 -7.83 12.89 -8.13
C VAL B 84 -9.13 13.60 -7.76
N GLN B 85 -9.16 14.20 -6.57
CA GLN B 85 -10.41 14.77 -6.08
C GLN B 85 -10.84 15.98 -6.91
N LEU B 86 -9.88 16.81 -7.32
CA LEU B 86 -10.23 17.93 -8.20
C LEU B 86 -10.70 17.43 -9.55
N ASP B 87 -10.07 16.37 -10.07
CA ASP B 87 -10.55 15.77 -11.30
C ASP B 87 -12.01 15.33 -11.17
N ASP B 88 -12.32 14.60 -10.09
CA ASP B 88 -13.69 14.17 -9.86
C ASP B 88 -14.63 15.36 -9.83
N TYR B 89 -14.23 16.41 -9.11
CA TYR B 89 -15.06 17.61 -9.01
C TYR B 89 -15.31 18.21 -10.39
N LEU B 90 -14.34 18.12 -11.29
CA LEU B 90 -14.49 18.51 -12.69
C LEU B 90 -15.06 17.38 -13.55
N ASN B 91 -15.78 16.43 -12.95
CA ASN B 91 -16.42 15.34 -13.68
C ASN B 91 -15.43 14.56 -14.53
N GLY B 92 -14.20 14.41 -14.03
CA GLY B 92 -13.23 13.55 -14.67
C GLY B 92 -12.68 14.06 -15.98
N ARG B 93 -12.99 15.29 -16.36
CA ARG B 93 -12.57 15.80 -17.66
C ARG B 93 -11.14 16.30 -17.67
N ALA B 94 -10.49 16.39 -16.52
CA ALA B 94 -9.12 16.87 -16.48
C ALA B 94 -8.17 15.72 -16.78
N VAL B 95 -7.09 16.02 -17.49
CA VAL B 95 -6.03 15.05 -17.69
C VAL B 95 -4.96 15.27 -16.61
N GLN B 96 -4.56 14.19 -15.94
CA GLN B 96 -3.65 14.28 -14.81
C GLN B 96 -2.22 14.02 -15.25
N HIS B 97 -1.29 14.80 -14.69
CA HIS B 97 0.13 14.76 -15.06
C HIS B 97 0.97 14.79 -13.80
N ARG B 98 1.84 13.79 -13.63
CA ARG B 98 2.80 13.79 -12.54
C ARG B 98 4.06 14.52 -13.01
N GLU B 99 4.51 15.51 -12.24
CA GLU B 99 5.67 16.30 -12.59
C GLU B 99 6.71 16.17 -11.48
N VAL B 100 7.90 15.70 -11.83
CA VAL B 100 8.98 15.54 -10.88
C VAL B 100 9.99 16.67 -11.10
N GLN B 101 10.40 17.31 -10.02
CA GLN B 101 11.40 18.37 -10.06
C GLN B 101 12.56 18.01 -10.97
N GLY B 102 12.81 18.87 -11.97
CA GLY B 102 13.91 18.67 -12.88
C GLY B 102 13.59 17.80 -14.08
N PHE B 103 12.44 17.14 -14.11
CA PHE B 103 12.05 16.28 -15.21
C PHE B 103 10.64 16.61 -15.69
N GLU B 104 10.27 17.87 -15.59
CA GLU B 104 8.91 18.29 -15.90
C GLU B 104 8.67 18.24 -17.39
N SER B 105 7.42 18.00 -17.77
CA SER B 105 7.03 18.04 -19.18
C SER B 105 7.27 19.42 -19.75
N SER B 106 7.52 19.48 -21.07
CA SER B 106 7.63 20.77 -21.73
C SER B 106 6.35 21.56 -21.61
N THR B 107 5.20 20.89 -21.66
CA THR B 107 3.92 21.57 -21.48
C THR B 107 3.89 22.30 -20.14
N PHE B 108 4.30 21.62 -19.07
CA PHE B 108 4.29 22.24 -17.75
C PHE B 108 5.25 23.41 -17.69
N SER B 109 6.48 23.23 -18.17
CA SER B 109 7.43 24.33 -18.21
C SER B 109 6.90 25.48 -19.05
N GLY B 110 6.11 25.18 -20.07
CA GLY B 110 5.58 26.20 -20.96
C GLY B 110 4.56 27.11 -20.32
N TYR B 111 4.03 26.73 -19.15
CA TYR B 111 3.08 27.55 -18.43
C TYR B 111 3.72 28.80 -17.85
N PHE B 112 5.05 28.87 -17.79
CA PHE B 112 5.76 29.91 -17.06
C PHE B 112 6.70 30.65 -18.01
N LYS B 113 6.35 31.89 -18.33
CA LYS B 113 7.17 32.71 -19.21
C LYS B 113 8.65 32.67 -18.82
N SER B 114 8.95 32.79 -17.53
CA SER B 114 10.32 32.85 -17.04
C SER B 114 10.91 31.46 -16.78
N GLY B 115 10.25 30.40 -17.20
CA GLY B 115 10.76 29.07 -16.97
C GLY B 115 10.61 28.64 -15.53
N LEU B 116 10.84 27.36 -15.26
CA LEU B 116 10.75 26.85 -13.90
C LEU B 116 12.00 27.20 -13.11
N LYS B 117 11.78 27.65 -11.89
CA LYS B 117 12.86 27.89 -10.94
C LYS B 117 12.50 27.21 -9.63
N TYR B 118 13.53 26.88 -8.85
CA TYR B 118 13.35 26.19 -7.58
C TYR B 118 14.02 26.96 -6.47
N LYS B 119 13.47 26.80 -5.26
CA LYS B 119 13.97 27.44 -4.06
C LYS B 119 14.21 26.39 -2.99
N LYS B 120 15.18 26.66 -2.13
CA LYS B 120 15.46 25.76 -1.02
C LYS B 120 14.42 25.92 0.08
N GLY B 121 14.00 24.80 0.65
CA GLY B 121 13.12 24.81 1.79
C GLY B 121 11.67 24.48 1.46
N GLY B 122 10.77 24.97 2.28
CA GLY B 122 9.35 24.73 2.10
C GLY B 122 8.64 24.70 3.44
N VAL B 123 7.35 24.43 3.37
CA VAL B 123 6.53 24.32 4.56
C VAL B 123 6.76 22.97 5.21
N ALA B 124 6.61 22.93 6.53
CA ALA B 124 6.90 21.71 7.28
C ALA B 124 5.86 20.62 7.01
N SER B 125 6.30 19.38 7.13
CA SER B 125 5.44 18.22 6.98
C SER B 125 4.30 18.27 7.99
N GLY B 126 3.17 17.67 7.61
CA GLY B 126 2.08 17.47 8.53
C GLY B 126 2.25 16.29 9.47
N PHE B 127 3.26 15.45 9.25
CA PHE B 127 3.43 14.24 10.04
C PHE B 127 3.81 14.55 11.48
#